data_4FCM
#
_entry.id   4FCM
#
_cell.length_a   42.780
_cell.length_b   71.490
_cell.length_c   89.500
_cell.angle_alpha   90.00
_cell.angle_beta   90.00
_cell.angle_gamma   90.00
#
_symmetry.space_group_name_H-M   'P 21 21 21'
#
loop_
_entity.id
_entity.type
_entity.pdbx_description
1 polymer 'Ras GTPase-activating protein-binding protein 1'
2 polymer 'Nucleoporin repeat peptide'
3 non-polymer 'PHOSPHATE ION'
4 water water
#
loop_
_entity_poly.entity_id
_entity_poly.type
_entity_poly.pdbx_seq_one_letter_code
_entity_poly.pdbx_strand_id
1 'polypeptide(L)'
;GSHMVMEKPSPLLVGREFVRQYYTLLNQAPDMLHRFYGKNSSYVHGGLDSNGKPADAVYGQKEIHRKVMSQNFTNCHTKI
RHVDAHATLNDGVVVQVMGLLSNNNQALRRFMQTFVLAPEGSVANKFYVHNDIFRYQDEVFG
;
A,B
2 'polypeptide(L)' DSGFSFGSK C,D
#
# COMPACT_ATOMS: atom_id res chain seq x y z
N SER A 10 7.70 18.15 1.19
CA SER A 10 6.36 17.74 0.80
C SER A 10 6.34 16.28 0.37
N PRO A 11 5.65 15.43 1.15
CA PRO A 11 5.54 14.00 0.85
C PRO A 11 4.77 13.76 -0.47
N LEU A 12 3.87 14.67 -0.80
CA LEU A 12 3.09 14.57 -2.02
C LEU A 12 3.98 14.72 -3.26
N LEU A 13 4.87 15.70 -3.22
CA LEU A 13 5.77 15.95 -4.35
C LEU A 13 6.82 14.86 -4.49
N VAL A 14 7.40 14.45 -3.37
CA VAL A 14 8.43 13.41 -3.36
C VAL A 14 7.93 12.11 -3.96
N GLY A 15 6.74 11.68 -3.52
CA GLY A 15 6.15 10.44 -3.97
C GLY A 15 5.73 10.46 -5.42
N ARG A 16 5.26 11.61 -5.90
CA ARG A 16 4.76 11.71 -7.26
C ARG A 16 5.89 11.84 -8.29
N GLU A 17 6.98 12.50 -7.89
CA GLU A 17 8.14 12.61 -8.77
C GLU A 17 8.89 11.30 -8.84
N PHE A 18 8.76 10.49 -7.80
CA PHE A 18 9.34 9.16 -7.80
C PHE A 18 8.60 8.25 -8.77
N VAL A 19 7.27 8.33 -8.77
CA VAL A 19 6.44 7.56 -9.68
C VAL A 19 6.81 7.88 -11.13
N ARG A 20 7.05 9.15 -11.41
CA ARG A 20 7.50 9.58 -12.72
C ARG A 20 8.85 8.96 -13.06
N GLN A 21 9.76 8.96 -12.09
CA GLN A 21 11.10 8.41 -12.29
C GLN A 21 11.09 6.89 -12.39
N TYR A 22 10.30 6.26 -11.53
CA TYR A 22 10.25 4.79 -11.46
C TYR A 22 9.70 4.18 -12.75
N TYR A 23 8.75 4.87 -13.39
CA TYR A 23 8.12 4.36 -14.59
C TYR A 23 8.79 4.84 -15.88
N THR A 24 9.51 5.95 -15.80
CA THR A 24 10.30 6.42 -16.93
C THR A 24 11.52 5.51 -17.09
N LEU A 25 12.06 5.09 -15.95
CA LEU A 25 13.23 4.21 -15.95
C LEU A 25 12.83 2.78 -16.31
N LEU A 26 11.62 2.39 -15.91
CA LEU A 26 11.12 1.05 -16.19
C LEU A 26 10.97 0.81 -17.68
N ASN A 27 10.75 1.89 -18.43
CA ASN A 27 10.65 1.83 -19.88
C ASN A 27 12.00 1.99 -20.57
N GLN A 28 12.74 3.01 -20.16
CA GLN A 28 14.01 3.34 -20.80
C GLN A 28 15.12 2.34 -20.49
N ALA A 29 15.29 2.02 -19.22
CA ALA A 29 16.35 1.09 -18.80
C ALA A 29 15.97 0.34 -17.53
N PRO A 30 15.19 -0.74 -17.68
CA PRO A 30 14.75 -1.56 -16.53
C PRO A 30 15.91 -2.26 -15.84
N ASP A 31 17.05 -2.34 -16.53
CA ASP A 31 18.25 -2.94 -15.96
C ASP A 31 18.89 -2.02 -14.93
N MET A 32 18.52 -0.74 -14.95
CA MET A 32 19.04 0.24 -14.02
C MET A 32 18.03 0.54 -12.91
N LEU A 33 16.99 -0.28 -12.83
CA LEU A 33 15.92 -0.07 -11.86
C LEU A 33 16.34 -0.53 -10.46
N HIS A 34 17.39 -1.33 -10.39
CA HIS A 34 17.81 -1.95 -9.14
C HIS A 34 18.39 -0.96 -8.12
N ARG A 35 18.84 0.19 -8.60
CA ARG A 35 19.49 1.17 -7.72
C ARG A 35 18.51 1.87 -6.77
N PHE A 36 17.22 1.60 -6.95
CA PHE A 36 16.18 2.15 -6.09
C PHE A 36 16.08 1.38 -4.78
N TYR A 37 16.70 0.20 -4.73
CA TYR A 37 16.49 -0.71 -3.61
C TYR A 37 17.76 -1.00 -2.82
N GLY A 38 17.57 -1.33 -1.54
CA GLY A 38 18.69 -1.71 -0.68
C GLY A 38 18.69 -3.20 -0.42
N LYS A 39 19.33 -3.61 0.68
CA LYS A 39 19.43 -5.02 1.00
C LYS A 39 18.29 -5.49 1.91
N ASN A 40 17.38 -4.59 2.23
CA ASN A 40 16.22 -4.93 3.03
C ASN A 40 14.90 -4.59 2.33
N SER A 41 14.99 -4.30 1.03
CA SER A 41 13.82 -3.93 0.24
C SER A 41 12.99 -5.15 -0.15
N SER A 42 11.70 -4.94 -0.36
CA SER A 42 10.81 -6.00 -0.82
C SER A 42 10.29 -5.66 -2.22
N TYR A 43 10.08 -6.69 -3.04
CA TYR A 43 9.64 -6.46 -4.41
C TYR A 43 8.76 -7.60 -4.94
N VAL A 44 7.62 -7.23 -5.51
CA VAL A 44 6.73 -8.18 -6.16
C VAL A 44 6.00 -7.46 -7.30
N HIS A 45 5.90 -8.12 -8.45
CA HIS A 45 5.27 -7.52 -9.62
C HIS A 45 4.31 -8.48 -10.30
N GLY A 46 3.17 -8.71 -9.66
CA GLY A 46 2.15 -9.60 -10.21
C GLY A 46 2.62 -11.04 -10.31
N GLY A 47 2.05 -11.78 -11.25
CA GLY A 47 2.43 -13.16 -11.47
C GLY A 47 1.57 -14.14 -10.69
N LEU A 48 1.61 -15.40 -11.11
CA LEU A 48 0.86 -16.46 -10.45
C LEU A 48 1.73 -17.69 -10.21
N ASP A 49 1.26 -18.62 -9.39
CA ASP A 49 2.00 -19.84 -9.10
C ASP A 49 1.70 -20.94 -10.11
N SER A 50 2.18 -22.14 -9.83
CA SER A 50 1.84 -23.30 -10.63
C SER A 50 0.41 -23.71 -10.31
N ASN A 51 -0.02 -23.37 -9.10
CA ASN A 51 -1.39 -23.61 -8.68
C ASN A 51 -2.35 -22.55 -9.22
N GLY A 52 -1.80 -21.36 -9.49
CA GLY A 52 -2.57 -20.28 -10.08
C GLY A 52 -2.81 -19.11 -9.15
N LYS A 53 -2.05 -19.06 -8.06
CA LYS A 53 -2.21 -17.99 -7.07
C LYS A 53 -0.98 -17.08 -7.05
N PRO A 54 -1.19 -15.78 -6.76
CA PRO A 54 -0.16 -14.73 -6.79
C PRO A 54 1.21 -15.13 -6.25
N ALA A 55 2.26 -14.76 -6.98
CA ALA A 55 3.63 -15.14 -6.63
C ALA A 55 4.13 -14.42 -5.39
N ASP A 56 5.24 -14.92 -4.85
CA ASP A 56 5.83 -14.35 -3.64
C ASP A 56 6.68 -13.13 -3.96
N ALA A 57 7.20 -12.49 -2.93
CA ALA A 57 8.06 -11.31 -3.10
C ALA A 57 9.52 -11.64 -2.83
N VAL A 58 10.42 -10.95 -3.51
CA VAL A 58 11.85 -11.14 -3.30
C VAL A 58 12.44 -10.00 -2.47
N TYR A 59 13.61 -10.24 -1.89
CA TYR A 59 14.23 -9.26 -1.00
C TYR A 59 15.68 -8.98 -1.35
N GLY A 60 16.09 -7.72 -1.22
CA GLY A 60 17.45 -7.32 -1.50
C GLY A 60 17.68 -6.96 -2.94
N GLN A 61 18.45 -5.90 -3.17
CA GLN A 61 18.75 -5.40 -4.52
C GLN A 61 19.28 -6.49 -5.44
N LYS A 62 20.08 -7.39 -4.88
CA LYS A 62 20.67 -8.48 -5.65
C LYS A 62 19.59 -9.39 -6.25
N GLU A 63 18.57 -9.69 -5.46
CA GLU A 63 17.49 -10.55 -5.92
C GLU A 63 16.41 -9.79 -6.68
N ILE A 64 16.19 -8.53 -6.29
CA ILE A 64 15.22 -7.68 -6.97
C ILE A 64 15.64 -7.42 -8.41
N HIS A 65 16.93 -7.16 -8.61
CA HIS A 65 17.48 -6.96 -9.95
C HIS A 65 17.31 -8.20 -10.80
N ARG A 66 17.61 -9.35 -10.21
CA ARG A 66 17.50 -10.64 -10.90
C ARG A 66 16.07 -10.91 -11.35
N LYS A 67 15.11 -10.49 -10.54
CA LYS A 67 13.70 -10.71 -10.86
C LYS A 67 13.21 -9.77 -11.95
N VAL A 68 13.67 -8.52 -11.92
CA VAL A 68 13.29 -7.53 -12.92
C VAL A 68 13.77 -7.92 -14.31
N MET A 69 15.00 -8.40 -14.40
CA MET A 69 15.59 -8.81 -15.67
C MET A 69 14.85 -10.01 -16.26
N SER A 70 14.36 -10.90 -15.40
CA SER A 70 13.68 -12.10 -15.83
C SER A 70 12.23 -11.84 -16.23
N GLN A 71 11.74 -10.65 -15.93
CA GLN A 71 10.39 -10.26 -16.31
C GLN A 71 10.36 -9.63 -17.70
N ASN A 72 11.56 -9.39 -18.24
CA ASN A 72 11.73 -8.89 -19.61
C ASN A 72 10.88 -7.67 -19.95
N PHE A 73 11.21 -6.53 -19.35
CA PHE A 73 10.50 -5.28 -19.62
C PHE A 73 10.99 -4.64 -20.91
N THR A 74 10.19 -4.77 -21.96
CA THR A 74 10.49 -4.16 -23.25
C THR A 74 9.37 -3.21 -23.67
N ASN A 75 9.72 -1.96 -23.90
CA ASN A 75 8.75 -0.91 -24.24
C ASN A 75 7.57 -0.86 -23.28
N CYS A 76 7.88 -0.71 -21.99
CA CYS A 76 6.85 -0.55 -20.97
C CYS A 76 6.09 0.75 -21.19
N HIS A 77 4.76 0.69 -21.14
CA HIS A 77 3.95 1.90 -21.25
C HIS A 77 3.04 2.02 -20.04
N THR A 78 2.84 3.24 -19.57
CA THR A 78 2.13 3.47 -18.33
C THR A 78 1.27 4.74 -18.39
N LYS A 79 0.01 4.61 -17.99
CA LYS A 79 -0.86 5.76 -17.81
C LYS A 79 -1.28 5.83 -16.35
N ILE A 80 -0.51 6.57 -15.56
CA ILE A 80 -0.82 6.74 -14.14
C ILE A 80 -2.11 7.53 -13.99
N ARG A 81 -3.06 6.97 -13.27
CA ARG A 81 -4.36 7.60 -13.10
C ARG A 81 -4.57 8.21 -11.72
N HIS A 82 -3.78 7.75 -10.75
CA HIS A 82 -3.85 8.31 -9.40
C HIS A 82 -2.59 8.04 -8.58
N VAL A 83 -2.05 9.10 -7.99
CA VAL A 83 -0.93 8.99 -7.06
C VAL A 83 -1.25 9.74 -5.78
N ASP A 84 -1.30 9.01 -4.67
CA ASP A 84 -1.56 9.62 -3.38
C ASP A 84 -0.42 9.30 -2.42
N ALA A 85 0.34 10.33 -2.05
CA ALA A 85 1.52 10.15 -1.22
C ALA A 85 1.36 10.83 0.15
N HIS A 86 1.67 10.08 1.20
CA HIS A 86 1.58 10.60 2.56
C HIS A 86 2.83 10.28 3.36
N ALA A 87 2.83 10.68 4.63
CA ALA A 87 4.01 10.50 5.49
C ALA A 87 3.81 9.38 6.49
N THR A 88 4.85 8.56 6.67
CA THR A 88 4.83 7.48 7.64
C THR A 88 5.79 7.76 8.78
N LEU A 89 6.00 6.75 9.62
CA LEU A 89 6.97 6.83 10.71
C LEU A 89 8.38 6.99 10.14
N ASN A 90 9.26 7.59 10.94
CA ASN A 90 10.67 7.75 10.58
C ASN A 90 10.90 8.46 9.24
N ASP A 91 10.18 9.57 9.04
CA ASP A 91 10.34 10.40 7.85
C ASP A 91 10.12 9.65 6.53
N GLY A 92 9.37 8.56 6.59
CA GLY A 92 9.10 7.76 5.40
C GLY A 92 7.92 8.31 4.61
N VAL A 93 7.75 7.81 3.40
CA VAL A 93 6.65 8.25 2.53
C VAL A 93 6.00 7.06 1.82
N VAL A 94 4.71 6.87 2.04
CA VAL A 94 3.97 5.85 1.29
C VAL A 94 3.37 6.44 0.02
N VAL A 95 3.44 5.67 -1.06
CA VAL A 95 2.85 6.09 -2.32
C VAL A 95 1.90 5.01 -2.83
N GLN A 96 0.63 5.36 -2.94
CA GLN A 96 -0.34 4.46 -3.53
C GLN A 96 -0.50 4.81 -5.00
N VAL A 97 -0.35 3.82 -5.87
CA VAL A 97 -0.37 4.05 -7.30
C VAL A 97 -1.47 3.25 -8.00
N MET A 98 -2.25 3.94 -8.84
CA MET A 98 -3.25 3.29 -9.67
C MET A 98 -3.12 3.74 -11.12
N GLY A 99 -3.12 2.79 -12.04
CA GLY A 99 -3.00 3.10 -13.45
C GLY A 99 -2.99 1.85 -14.32
N LEU A 100 -2.46 1.98 -15.53
CA LEU A 100 -2.40 0.86 -16.45
C LEU A 100 -0.96 0.63 -16.93
N LEU A 101 -0.59 -0.63 -17.12
CA LEU A 101 0.76 -0.97 -17.55
C LEU A 101 0.72 -1.88 -18.77
N SER A 102 1.62 -1.63 -19.72
CA SER A 102 1.73 -2.46 -20.91
C SER A 102 3.17 -2.91 -21.14
N ASN A 103 3.37 -4.22 -21.19
CA ASN A 103 4.69 -4.77 -21.45
C ASN A 103 4.74 -5.48 -22.79
N ASN A 104 5.87 -5.35 -23.49
CA ASN A 104 6.06 -5.94 -24.82
C ASN A 104 4.95 -5.53 -25.80
N ASN A 105 4.58 -4.26 -25.73
CA ASN A 105 3.57 -3.69 -26.62
C ASN A 105 2.22 -4.43 -26.63
N GLN A 106 1.89 -5.04 -25.50
CA GLN A 106 0.62 -5.74 -25.36
C GLN A 106 -0.44 -4.77 -24.85
N ALA A 107 -1.56 -5.32 -24.36
CA ALA A 107 -2.68 -4.49 -23.89
C ALA A 107 -2.41 -3.88 -22.52
N LEU A 108 -2.96 -2.68 -22.30
CA LEU A 108 -2.85 -2.01 -21.01
C LEU A 108 -3.64 -2.74 -19.93
N ARG A 109 -2.95 -3.15 -18.87
CA ARG A 109 -3.59 -3.85 -17.77
C ARG A 109 -3.61 -2.97 -16.53
N ARG A 110 -4.80 -2.82 -15.93
CA ARG A 110 -4.94 -2.01 -14.72
C ARG A 110 -4.16 -2.64 -13.57
N PHE A 111 -3.65 -1.81 -12.67
CA PHE A 111 -2.88 -2.31 -11.53
C PHE A 111 -3.07 -1.52 -10.25
N MET A 112 -2.69 -2.13 -9.15
CA MET A 112 -2.72 -1.49 -7.83
C MET A 112 -1.34 -1.63 -7.20
N GLN A 113 -0.71 -0.50 -6.89
CA GLN A 113 0.66 -0.52 -6.37
C GLN A 113 0.83 0.27 -5.08
N THR A 114 1.82 -0.11 -4.29
CA THR A 114 2.13 0.57 -3.05
C THR A 114 3.64 0.65 -2.82
N PHE A 115 4.15 1.88 -2.70
CA PHE A 115 5.55 2.10 -2.41
C PHE A 115 5.74 2.56 -0.97
N VAL A 116 6.91 2.28 -0.41
CA VAL A 116 7.32 2.86 0.85
C VAL A 116 8.71 3.47 0.69
N LEU A 117 8.76 4.80 0.65
CA LEU A 117 10.02 5.51 0.47
C LEU A 117 10.66 5.81 1.82
N ALA A 118 11.84 5.24 2.04
CA ALA A 118 12.57 5.46 3.28
C ALA A 118 13.77 6.37 3.04
N PRO A 119 14.10 7.22 4.03
CA PRO A 119 15.28 8.09 3.95
C PRO A 119 16.55 7.27 3.81
N GLU A 120 17.42 7.65 2.86
CA GLU A 120 18.64 6.92 2.60
C GLU A 120 19.62 6.98 3.77
N GLY A 121 19.66 8.14 4.43
CA GLY A 121 20.41 8.27 5.66
C GLY A 121 21.72 9.04 5.57
N SER A 122 22.47 8.81 4.50
CA SER A 122 23.80 9.41 4.36
C SER A 122 23.80 10.67 3.50
N VAL A 123 22.81 10.80 2.63
CA VAL A 123 22.73 11.96 1.74
C VAL A 123 21.44 12.73 1.98
N ALA A 124 21.49 14.05 1.79
CA ALA A 124 20.33 14.92 2.02
C ALA A 124 19.24 14.71 0.98
N ASN A 125 18.00 14.57 1.47
CA ASN A 125 16.82 14.40 0.62
C ASN A 125 16.90 13.23 -0.36
N LYS A 126 17.59 12.17 0.05
CA LYS A 126 17.70 10.97 -0.76
C LYS A 126 16.83 9.86 -0.21
N PHE A 127 16.03 9.25 -1.06
CA PHE A 127 15.12 8.18 -0.65
C PHE A 127 15.37 6.90 -1.43
N TYR A 128 15.13 5.76 -0.79
CA TYR A 128 15.19 4.48 -1.47
C TYR A 128 13.88 3.72 -1.29
N VAL A 129 13.64 2.73 -2.14
CA VAL A 129 12.40 1.97 -2.10
C VAL A 129 12.50 0.81 -1.13
N HIS A 130 11.89 0.95 0.04
CA HIS A 130 11.90 -0.10 1.05
C HIS A 130 10.90 -1.18 0.70
N ASN A 131 9.79 -0.79 0.08
CA ASN A 131 8.76 -1.74 -0.32
C ASN A 131 8.17 -1.43 -1.69
N ASP A 132 8.01 -2.46 -2.50
CA ASP A 132 7.40 -2.33 -3.82
C ASP A 132 6.39 -3.44 -4.03
N ILE A 133 5.12 -3.12 -3.86
CA ILE A 133 4.05 -4.10 -4.01
C ILE A 133 3.21 -3.82 -5.25
N PHE A 134 3.54 -4.49 -6.35
CA PHE A 134 2.80 -4.35 -7.59
C PHE A 134 1.86 -5.53 -7.80
N ARG A 135 0.62 -5.24 -8.19
CA ARG A 135 -0.36 -6.27 -8.44
C ARG A 135 -1.25 -5.94 -9.65
N TYR A 136 -1.41 -6.92 -10.55
CA TYR A 136 -2.36 -6.78 -11.64
C TYR A 136 -3.76 -7.14 -11.14
N GLN A 137 -4.76 -6.38 -11.59
CA GLN A 137 -6.13 -6.58 -11.13
C GLN A 137 -6.82 -7.77 -11.78
N ASP A 138 -6.42 -8.08 -13.01
CA ASP A 138 -7.01 -9.19 -13.75
C ASP A 138 -6.56 -10.56 -13.23
N GLU A 139 -5.52 -10.55 -12.42
CA GLU A 139 -5.01 -11.79 -11.82
C GLU A 139 -5.47 -11.94 -10.38
N VAL A 140 -6.33 -11.02 -9.95
CA VAL A 140 -6.86 -11.04 -8.59
C VAL A 140 -8.39 -10.95 -8.60
N PHE A 141 -8.92 -10.13 -9.51
CA PHE A 141 -10.36 -9.96 -9.64
C PHE A 141 -10.89 -10.71 -10.86
N MET B 4 0.70 -20.51 27.44
CA MET B 4 1.89 -20.77 26.64
C MET B 4 2.35 -19.49 25.93
N VAL B 5 3.57 -19.53 25.39
CA VAL B 5 4.12 -18.39 24.68
C VAL B 5 4.45 -18.76 23.24
N MET B 6 4.04 -17.90 22.30
CA MET B 6 4.23 -18.16 20.88
C MET B 6 5.30 -17.25 20.28
N GLU B 7 5.96 -17.75 19.24
CA GLU B 7 6.95 -16.97 18.49
C GLU B 7 6.35 -15.67 17.95
N LYS B 8 7.18 -14.65 17.80
CA LYS B 8 6.74 -13.39 17.22
C LYS B 8 6.31 -13.57 15.76
N PRO B 9 5.07 -13.21 15.46
CA PRO B 9 4.42 -13.43 14.16
C PRO B 9 5.03 -12.65 13.00
N SER B 10 4.87 -13.18 11.79
CA SER B 10 5.34 -12.51 10.58
C SER B 10 4.34 -11.43 10.17
N PRO B 11 4.81 -10.41 9.42
CA PRO B 11 3.94 -9.32 8.95
C PRO B 11 2.70 -9.82 8.21
N LEU B 12 2.84 -10.91 7.47
CA LEU B 12 1.71 -11.48 6.72
C LEU B 12 0.59 -11.91 7.65
N LEU B 13 0.96 -12.35 8.85
CA LEU B 13 -0.01 -12.76 9.85
C LEU B 13 -0.61 -11.54 10.53
N VAL B 14 0.26 -10.58 10.88
CA VAL B 14 -0.18 -9.35 11.53
C VAL B 14 -1.05 -8.53 10.59
N GLY B 15 -0.66 -8.48 9.32
CA GLY B 15 -1.35 -7.69 8.33
C GLY B 15 -2.55 -8.38 7.71
N ARG B 16 -2.92 -9.53 8.25
CA ARG B 16 -4.10 -10.24 7.77
C ARG B 16 -5.12 -10.40 8.89
N GLU B 17 -4.62 -10.45 10.12
CA GLU B 17 -5.49 -10.46 11.29
C GLU B 17 -6.05 -9.07 11.52
N PHE B 18 -5.27 -8.06 11.17
CA PHE B 18 -5.72 -6.67 11.25
C PHE B 18 -6.82 -6.40 10.23
N VAL B 19 -6.59 -6.84 8.99
CA VAL B 19 -7.57 -6.67 7.92
C VAL B 19 -8.89 -7.34 8.29
N ARG B 20 -8.80 -8.48 8.96
CA ARG B 20 -9.99 -9.17 9.45
C ARG B 20 -10.71 -8.31 10.48
N GLN B 21 -9.97 -7.85 11.48
CA GLN B 21 -10.55 -7.04 12.56
C GLN B 21 -11.06 -5.69 12.05
N TYR B 22 -10.43 -5.17 11.01
CA TYR B 22 -10.76 -3.86 10.48
C TYR B 22 -12.16 -3.84 9.84
N TYR B 23 -12.38 -4.73 8.88
CA TYR B 23 -13.65 -4.76 8.16
C TYR B 23 -14.77 -5.40 8.99
N THR B 24 -14.38 -6.23 9.96
CA THR B 24 -15.36 -6.81 10.86
C THR B 24 -15.95 -5.72 11.73
N LEU B 25 -15.08 -4.86 12.27
CA LEU B 25 -15.51 -3.76 13.11
C LEU B 25 -16.24 -2.71 12.27
N LEU B 26 -15.81 -2.56 11.02
CA LEU B 26 -16.41 -1.59 10.10
C LEU B 26 -17.87 -1.94 9.82
N ASN B 27 -18.20 -3.22 9.94
CA ASN B 27 -19.56 -3.70 9.69
C ASN B 27 -20.41 -3.68 10.96
N GLN B 28 -19.77 -3.94 12.10
CA GLN B 28 -20.50 -4.08 13.36
C GLN B 28 -20.54 -2.79 14.18
N ALA B 29 -19.36 -2.28 14.52
CA ALA B 29 -19.27 -1.05 15.30
C ALA B 29 -18.28 -0.06 14.67
N PRO B 30 -18.70 0.61 13.59
CA PRO B 30 -17.83 1.52 12.84
C PRO B 30 -17.45 2.76 13.63
N ASP B 31 -18.17 3.04 14.71
CA ASP B 31 -17.86 4.19 15.56
C ASP B 31 -16.69 3.89 16.49
N MET B 32 -16.37 2.61 16.63
CA MET B 32 -15.24 2.18 17.46
C MET B 32 -14.01 1.94 16.61
N LEU B 33 -14.08 2.33 15.34
CA LEU B 33 -12.98 2.11 14.40
C LEU B 33 -11.83 3.06 14.69
N HIS B 34 -12.14 4.15 15.40
CA HIS B 34 -11.14 5.19 15.68
C HIS B 34 -10.10 4.75 16.71
N ARG B 35 -10.35 3.63 17.37
CA ARG B 35 -9.43 3.12 18.37
C ARG B 35 -8.10 2.67 17.75
N PHE B 36 -8.14 2.41 16.44
CA PHE B 36 -6.97 1.94 15.71
C PHE B 36 -5.92 3.04 15.50
N TYR B 37 -6.32 4.29 15.67
CA TYR B 37 -5.48 5.42 15.23
C TYR B 37 -4.83 6.20 16.36
N GLY B 38 -3.91 7.09 15.99
CA GLY B 38 -3.22 7.95 16.94
C GLY B 38 -3.25 9.40 16.49
N LYS B 39 -2.46 10.24 17.15
CA LYS B 39 -2.45 11.66 16.86
C LYS B 39 -1.78 11.99 15.53
N ASN B 40 -0.90 11.11 15.07
CA ASN B 40 -0.18 11.32 13.82
C ASN B 40 -0.63 10.39 12.70
N SER B 41 -1.82 9.82 12.85
CA SER B 41 -2.36 8.92 11.85
C SER B 41 -3.04 9.69 10.72
N SER B 42 -2.98 9.14 9.51
CA SER B 42 -3.64 9.75 8.35
C SER B 42 -4.76 8.84 7.83
N TYR B 43 -5.77 9.45 7.22
CA TYR B 43 -6.94 8.72 6.77
C TYR B 43 -7.56 9.41 5.55
N VAL B 44 -7.94 8.63 4.55
CA VAL B 44 -8.53 9.18 3.34
C VAL B 44 -9.45 8.17 2.63
N HIS B 45 -10.48 8.69 1.97
CA HIS B 45 -11.42 7.86 1.22
C HIS B 45 -11.61 8.39 -0.20
N GLY B 46 -12.13 9.61 -0.30
CA GLY B 46 -12.29 10.27 -1.59
C GLY B 46 -13.74 10.29 -2.08
N GLY B 47 -14.08 11.28 -2.91
CA GLY B 47 -15.38 11.31 -3.55
C GLY B 47 -16.07 12.65 -3.70
N LEU B 48 -15.34 13.75 -3.57
CA LEU B 48 -15.92 15.08 -3.78
C LEU B 48 -14.88 16.17 -4.04
N ASP B 49 -15.15 17.05 -4.99
CA ASP B 49 -16.40 17.03 -5.75
C ASP B 49 -16.15 17.29 -7.23
N LYS B 53 -10.72 16.31 -8.21
CA LYS B 53 -10.34 16.59 -6.83
C LYS B 53 -10.98 15.59 -5.87
N PRO B 54 -10.41 14.38 -5.77
CA PRO B 54 -10.90 13.31 -4.90
C PRO B 54 -11.11 13.74 -3.44
N ALA B 55 -10.05 13.80 -2.64
CA ALA B 55 -10.13 14.25 -1.25
C ALA B 55 -8.74 14.40 -0.63
N ASP B 56 -8.68 15.11 0.50
CA ASP B 56 -7.44 15.24 1.26
C ASP B 56 -7.56 14.45 2.56
N ALA B 57 -6.43 14.24 3.23
CA ALA B 57 -6.39 13.39 4.41
C ALA B 57 -6.82 14.10 5.70
N VAL B 58 -7.20 13.32 6.70
CA VAL B 58 -7.50 13.85 8.03
C VAL B 58 -6.55 13.20 9.04
N TYR B 59 -6.32 13.88 10.16
CA TYR B 59 -5.32 13.42 11.13
C TYR B 59 -5.84 13.43 12.57
N GLY B 60 -5.46 12.43 13.34
CA GLY B 60 -5.86 12.34 14.74
C GLY B 60 -7.10 11.49 14.93
N GLN B 61 -7.29 11.00 16.15
CA GLN B 61 -8.45 10.15 16.46
C GLN B 61 -9.77 10.92 16.37
N LYS B 62 -9.73 12.22 16.63
CA LYS B 62 -10.95 13.03 16.62
C LYS B 62 -11.41 13.33 15.19
N GLU B 63 -10.48 13.71 14.34
CA GLU B 63 -10.80 14.05 12.95
C GLU B 63 -11.17 12.82 12.13
N ILE B 64 -10.49 11.70 12.41
CA ILE B 64 -10.76 10.45 11.71
C ILE B 64 -12.12 9.89 12.08
N HIS B 65 -12.45 9.92 13.37
CA HIS B 65 -13.75 9.43 13.83
C HIS B 65 -14.90 10.20 13.22
N ARG B 66 -14.79 11.52 13.19
CA ARG B 66 -15.82 12.37 12.62
C ARG B 66 -15.96 12.11 11.12
N LYS B 67 -14.85 11.76 10.49
CA LYS B 67 -14.83 11.45 9.07
C LYS B 67 -15.50 10.11 8.78
N VAL B 68 -15.24 9.13 9.64
CA VAL B 68 -15.83 7.80 9.51
C VAL B 68 -17.35 7.85 9.68
N MET B 69 -17.81 8.65 10.62
CA MET B 69 -19.24 8.78 10.88
C MET B 69 -19.97 9.50 9.75
N SER B 70 -19.22 10.26 8.96
CA SER B 70 -19.80 11.03 7.86
C SER B 70 -20.13 10.13 6.67
N GLN B 71 -19.55 8.94 6.65
CA GLN B 71 -19.70 8.04 5.50
C GLN B 71 -20.80 7.01 5.71
N ASN B 72 -21.30 6.90 6.94
CA ASN B 72 -22.40 6.01 7.28
C ASN B 72 -22.23 4.56 6.83
N PHE B 73 -21.38 3.83 7.54
CA PHE B 73 -21.12 2.43 7.22
C PHE B 73 -22.18 1.51 7.83
N THR B 74 -23.31 1.40 7.14
CA THR B 74 -24.40 0.54 7.59
C THR B 74 -24.51 -0.70 6.72
N ASN B 75 -24.59 -1.86 7.36
CA ASN B 75 -24.61 -3.15 6.67
C ASN B 75 -23.45 -3.29 5.70
N CYS B 76 -22.23 -3.14 6.23
CA CYS B 76 -21.03 -3.13 5.41
C CYS B 76 -20.57 -4.55 5.09
N HIS B 77 -20.43 -4.84 3.80
CA HIS B 77 -19.97 -6.16 3.36
C HIS B 77 -18.74 -6.06 2.47
N THR B 78 -17.69 -6.79 2.83
CA THR B 78 -16.44 -6.75 2.09
C THR B 78 -16.05 -8.13 1.55
N LYS B 79 -15.62 -8.15 0.30
CA LYS B 79 -15.11 -9.39 -0.31
C LYS B 79 -13.61 -9.27 -0.51
N ILE B 80 -12.85 -9.66 0.49
CA ILE B 80 -11.38 -9.59 0.42
C ILE B 80 -10.83 -10.61 -0.55
N ARG B 81 -10.07 -10.14 -1.53
CA ARG B 81 -9.53 -11.02 -2.57
C ARG B 81 -8.06 -11.35 -2.33
N HIS B 82 -7.27 -10.33 -2.04
CA HIS B 82 -5.84 -10.52 -1.79
C HIS B 82 -5.28 -9.52 -0.79
N VAL B 83 -4.47 -10.02 0.14
CA VAL B 83 -3.84 -9.16 1.13
C VAL B 83 -2.32 -9.33 1.11
N ASP B 84 -1.61 -8.24 0.86
CA ASP B 84 -0.16 -8.23 0.91
C ASP B 84 0.32 -7.52 2.18
N ALA B 85 1.23 -8.16 2.90
CA ALA B 85 1.74 -7.59 4.14
C ALA B 85 3.24 -7.84 4.29
N HIS B 86 4.02 -6.78 4.12
CA HIS B 86 5.47 -6.87 4.21
C HIS B 86 6.00 -6.09 5.40
N ALA B 87 7.19 -6.47 5.86
CA ALA B 87 7.86 -5.75 6.93
C ALA B 87 8.48 -4.47 6.38
N THR B 88 7.94 -3.33 6.78
CA THR B 88 8.48 -2.04 6.34
C THR B 88 9.44 -1.48 7.38
N LEU B 89 9.81 -0.21 7.23
CA LEU B 89 10.86 0.40 8.06
C LEU B 89 10.56 0.44 9.56
N ASN B 90 11.53 0.01 10.36
CA ASN B 90 11.50 0.14 11.81
C ASN B 90 10.35 -0.62 12.48
N ASP B 91 10.30 -1.93 12.24
CA ASP B 91 9.30 -2.83 12.83
C ASP B 91 7.87 -2.52 12.43
N GLY B 92 7.69 -1.94 11.24
CA GLY B 92 6.37 -1.62 10.75
C GLY B 92 5.87 -2.65 9.76
N VAL B 93 4.56 -2.64 9.50
CA VAL B 93 3.97 -3.57 8.54
C VAL B 93 3.12 -2.84 7.51
N VAL B 94 3.59 -2.80 6.27
CA VAL B 94 2.83 -2.21 5.18
C VAL B 94 1.83 -3.23 4.63
N VAL B 95 0.56 -2.82 4.55
CA VAL B 95 -0.49 -3.73 4.10
C VAL B 95 -1.25 -3.18 2.90
N GLN B 96 -1.24 -3.93 1.80
CA GLN B 96 -2.04 -3.58 0.64
C GLN B 96 -3.22 -4.53 0.49
N VAL B 97 -4.43 -3.97 0.46
CA VAL B 97 -5.64 -4.78 0.38
C VAL B 97 -6.36 -4.56 -0.95
N MET B 98 -6.74 -5.66 -1.59
CA MET B 98 -7.50 -5.61 -2.83
C MET B 98 -8.77 -6.43 -2.68
N GLY B 99 -9.93 -5.79 -2.84
CA GLY B 99 -11.20 -6.48 -2.71
C GLY B 99 -12.41 -5.71 -3.15
N LEU B 100 -13.58 -6.16 -2.72
CA LEU B 100 -14.85 -5.51 -3.06
C LEU B 100 -15.49 -4.96 -1.81
N LEU B 101 -16.23 -3.86 -1.96
CA LEU B 101 -16.91 -3.25 -0.81
C LEU B 101 -18.32 -2.78 -1.14
N SER B 102 -19.28 -3.21 -0.34
CA SER B 102 -20.67 -2.78 -0.48
C SER B 102 -21.11 -2.09 0.81
N ASN B 103 -21.70 -0.91 0.66
CA ASN B 103 -22.19 -0.16 1.81
C ASN B 103 -23.62 0.33 1.59
N ASN B 104 -24.40 0.36 2.67
CA ASN B 104 -25.78 0.83 2.63
C ASN B 104 -26.64 0.04 1.64
N ASN B 105 -26.36 -1.26 1.53
CA ASN B 105 -27.08 -2.15 0.63
C ASN B 105 -27.12 -1.66 -0.81
N GLN B 106 -25.98 -1.18 -1.29
CA GLN B 106 -25.88 -0.67 -2.65
C GLN B 106 -24.90 -1.49 -3.50
N ALA B 107 -24.34 -0.85 -4.52
CA ALA B 107 -23.46 -1.53 -5.47
C ALA B 107 -22.19 -2.05 -4.82
N LEU B 108 -21.74 -3.22 -5.26
CA LEU B 108 -20.49 -3.79 -4.82
C LEU B 108 -19.35 -3.15 -5.61
N ARG B 109 -18.46 -2.44 -4.91
CA ARG B 109 -17.45 -1.63 -5.57
C ARG B 109 -16.02 -2.12 -5.33
N ARG B 110 -15.26 -2.22 -6.41
CA ARG B 110 -13.87 -2.66 -6.33
C ARG B 110 -12.99 -1.53 -5.80
N PHE B 111 -12.00 -1.89 -4.99
CA PHE B 111 -11.13 -0.89 -4.37
C PHE B 111 -9.73 -1.42 -4.11
N MET B 112 -8.84 -0.52 -3.71
CA MET B 112 -7.54 -0.89 -3.18
C MET B 112 -7.29 -0.07 -1.91
N GLN B 113 -6.59 -0.67 -0.96
CA GLN B 113 -6.33 0.03 0.31
C GLN B 113 -4.93 -0.22 0.82
N THR B 114 -4.29 0.84 1.30
CA THR B 114 -2.94 0.76 1.82
C THR B 114 -2.91 1.08 3.31
N PHE B 115 -2.43 0.13 4.11
CA PHE B 115 -2.30 0.33 5.55
C PHE B 115 -0.84 0.40 5.96
N VAL B 116 -0.57 1.18 7.01
CA VAL B 116 0.75 1.22 7.63
C VAL B 116 0.61 1.00 9.12
N LEU B 117 1.01 -0.18 9.58
CA LEU B 117 0.90 -0.54 10.99
C LEU B 117 2.23 -0.31 11.71
N ALA B 118 2.18 0.47 12.78
CA ALA B 118 3.38 0.80 13.55
C ALA B 118 3.21 0.36 15.00
N PRO B 119 4.32 0.00 15.66
CA PRO B 119 4.29 -0.36 17.07
C PRO B 119 3.76 0.80 17.89
N GLU B 120 2.93 0.47 18.87
CA GLU B 120 2.47 1.45 19.82
C GLU B 120 3.65 1.90 20.69
N GLY B 121 4.79 1.19 20.66
CA GLY B 121 5.72 1.17 21.77
C GLY B 121 5.16 0.28 22.88
N SER B 122 5.04 0.85 24.07
CA SER B 122 3.90 0.59 24.96
C SER B 122 3.57 -0.82 25.50
N VAL B 123 3.12 -1.76 24.65
CA VAL B 123 2.65 -3.09 25.15
C VAL B 123 3.31 -4.24 24.39
N ALA B 124 2.87 -5.47 24.62
CA ALA B 124 3.48 -6.62 23.94
C ALA B 124 2.94 -6.80 22.53
N ASN B 125 3.73 -6.40 21.54
CA ASN B 125 3.43 -6.64 20.13
C ASN B 125 2.07 -6.10 19.68
N LYS B 126 1.74 -4.87 20.07
CA LYS B 126 0.50 -4.24 19.64
C LYS B 126 0.77 -3.15 18.62
N PHE B 127 -0.04 -3.13 17.56
CA PHE B 127 0.15 -2.18 16.48
C PHE B 127 -1.02 -1.20 16.36
N TYR B 128 -0.78 -0.06 15.74
CA TYR B 128 -1.82 0.91 15.46
C TYR B 128 -1.69 1.42 14.03
N VAL B 129 -2.79 1.90 13.46
CA VAL B 129 -2.79 2.40 12.09
C VAL B 129 -2.14 3.77 11.99
N HIS B 130 -1.09 3.86 11.18
CA HIS B 130 -0.41 5.13 10.96
C HIS B 130 -0.92 5.77 9.66
N ASN B 131 -1.21 4.93 8.67
CA ASN B 131 -1.72 5.40 7.39
C ASN B 131 -2.89 4.55 6.90
N ASP B 132 -3.94 5.22 6.44
CA ASP B 132 -5.12 4.55 5.94
C ASP B 132 -5.53 5.17 4.60
N ILE B 133 -5.19 4.52 3.51
CA ILE B 133 -5.47 5.04 2.18
C ILE B 133 -6.46 4.17 1.41
N PHE B 134 -7.72 4.59 1.37
CA PHE B 134 -8.75 3.88 0.64
C PHE B 134 -9.03 4.58 -0.68
N ARG B 135 -9.35 3.81 -1.72
CA ARG B 135 -9.67 4.40 -3.01
C ARG B 135 -10.56 3.51 -3.86
N TYR B 136 -11.79 3.97 -4.11
CA TYR B 136 -12.69 3.28 -5.02
C TYR B 136 -12.17 3.39 -6.44
N GLN B 137 -12.20 2.28 -7.16
CA GLN B 137 -11.65 2.22 -8.51
C GLN B 137 -12.54 2.94 -9.53
N ASP B 138 -13.85 2.88 -9.31
CA ASP B 138 -14.80 3.51 -10.21
C ASP B 138 -14.73 5.04 -10.18
N GLU B 139 -13.97 5.56 -9.22
CA GLU B 139 -13.75 7.00 -9.10
C GLU B 139 -12.42 7.39 -9.71
N VAL B 140 -11.65 6.39 -10.11
CA VAL B 140 -10.36 6.61 -10.77
C VAL B 140 -10.39 6.07 -12.19
N PHE B 141 -10.68 4.77 -12.30
CA PHE B 141 -10.72 4.10 -13.60
C PHE B 141 -11.44 2.74 -13.54
N SER C 2 21.63 3.89 -1.55
CA SER C 2 21.40 4.18 -2.96
C SER C 2 19.91 4.22 -3.29
N GLY C 3 19.49 5.25 -4.02
CA GLY C 3 18.11 5.42 -4.42
C GLY C 3 17.93 6.63 -5.31
N PHE C 4 16.72 7.18 -5.34
CA PHE C 4 16.45 8.38 -6.12
C PHE C 4 16.56 9.61 -5.21
N SER C 5 16.88 10.75 -5.80
CA SER C 5 17.20 11.95 -5.02
C SER C 5 16.17 13.06 -5.16
N PHE C 6 16.24 14.03 -4.25
CA PHE C 6 15.34 15.18 -4.27
C PHE C 6 16.04 16.43 -3.75
N SER D 2 -4.21 4.07 20.24
CA SER D 2 -3.68 2.86 20.86
C SER D 2 -3.46 1.75 19.84
N GLY D 3 -4.56 1.29 19.23
CA GLY D 3 -4.48 0.26 18.20
C GLY D 3 -5.23 -0.99 18.55
N PHE D 4 -4.74 -2.12 18.04
CA PHE D 4 -5.39 -3.42 18.28
C PHE D 4 -4.41 -4.43 18.85
N SER D 5 -4.95 -5.43 19.54
CA SER D 5 -4.12 -6.48 20.14
C SER D 5 -4.09 -7.71 19.24
N PHE D 6 -2.93 -8.37 19.18
CA PHE D 6 -2.75 -9.56 18.36
C PHE D 6 -1.63 -10.44 18.89
#